data_2BYO
#
_entry.id   2BYO
#
_cell.length_a   54.257
_cell.length_b   54.257
_cell.length_c   269.983
_cell.angle_alpha   90.00
_cell.angle_beta   90.00
_cell.angle_gamma   120.00
#
_symmetry.space_group_name_H-M   'P 65 2 2'
#
loop_
_entity.id
_entity.type
_entity.pdbx_description
1 polymer 'LIPOPROTEIN LPPX'
2 non-polymer 'ZINC ION'
3 non-polymer 'ACETATE ION'
4 non-polymer 'DOCOSA-4,7,10,13,16,19-HEXAENOIC ACID'
5 non-polymer 'ALPHA-LINOLENIC ACID'
6 non-polymer 'OXALOACETATE ION'
7 non-polymer D-MALATE
8 water water
#
_entity_poly.entity_id   1
_entity_poly.type   'polypeptide(L)'
_entity_poly.pdbx_seq_one_letter_code
;CSSPKPDAEEQGVPVSPTASDPALLAEIRQSLDATKGLTSVHVAVRTTGKVDSLLGITSADVDVRANPLAAKGVCTYNDE
QGVPFRVQGDNISVKLFDDWSNLGSISELSTSRVLDPAAGVTQLLSGVTNLQAQGTEVIDGISTTKITGTIPASSVKMLD
PGAKSARPATVWIAQDGSHHLVRASIDLGSGSIQLTQSKWNEPVNVD
;
_entity_poly.pdbx_strand_id   A
#
# COMPACT_ATOMS: atom_id res chain seq x y z
N SER A 20 7.96 9.13 17.93
CA SER A 20 6.55 9.03 18.42
C SER A 20 6.02 10.41 18.85
N ASP A 21 6.39 11.41 18.08
CA ASP A 21 5.92 12.77 18.23
C ASP A 21 4.39 12.74 18.09
N PRO A 22 3.67 13.08 19.17
CA PRO A 22 2.20 13.09 19.14
C PRO A 22 1.56 13.89 18.01
N ALA A 23 2.16 15.01 17.62
CA ALA A 23 1.60 15.85 16.55
C ALA A 23 1.77 15.14 15.20
N LEU A 24 2.94 14.56 14.96
CA LEU A 24 3.17 13.83 13.70
C LEU A 24 2.35 12.53 13.62
N LEU A 25 2.20 11.86 14.75
CA LEU A 25 1.35 10.69 14.81
C LEU A 25 -0.11 11.04 14.51
N ALA A 26 -0.55 12.17 15.04
CA ALA A 26 -1.92 12.64 14.83
C ALA A 26 -2.18 12.87 13.35
N GLU A 27 -1.21 13.51 12.68
CA GLU A 27 -1.33 13.79 11.26
C GLU A 27 -1.37 12.50 10.44
N ILE A 28 -0.57 11.51 10.81
CA ILE A 28 -0.64 10.22 10.11
C ILE A 28 -2.00 9.54 10.35
N ARG A 29 -2.51 9.61 11.58
CA ARG A 29 -3.84 9.04 11.85
C ARG A 29 -4.93 9.72 11.03
N GLN A 30 -4.82 11.03 10.82
CA GLN A 30 -5.73 11.72 9.92
C GLN A 30 -5.73 11.11 8.50
N SER A 31 -4.55 10.77 7.96
CA SER A 31 -4.49 10.19 6.61
C SER A 31 -5.01 8.76 6.59
N LEU A 32 -4.76 8.00 7.65
CA LEU A 32 -5.23 6.63 7.74
C LEU A 32 -6.76 6.59 7.88
N ASP A 33 -7.31 7.52 8.66
CA ASP A 33 -8.76 7.65 8.76
C ASP A 33 -9.39 8.07 7.42
N ALA A 34 -8.75 8.99 6.71
CA ALA A 34 -9.23 9.36 5.38
C ALA A 34 -9.21 8.14 4.46
N THR A 35 -8.13 7.37 4.54
CA THR A 35 -8.00 6.14 3.74
C THR A 35 -9.11 5.13 4.07
N LYS A 36 -9.37 4.93 5.37
CA LYS A 36 -10.42 4.04 5.82
C LYS A 36 -11.83 4.42 5.31
N GLY A 37 -12.07 5.72 5.15
CA GLY A 37 -13.37 6.23 4.72
C GLY A 37 -13.65 6.23 3.23
N LEU A 38 -12.67 5.84 2.43
CA LEU A 38 -12.81 5.82 0.96
C LEU A 38 -13.81 4.77 0.47
N THR A 39 -14.61 5.17 -0.51
CA THR A 39 -15.50 4.25 -1.21
C THR A 39 -14.70 3.54 -2.30
N SER A 40 -13.77 4.27 -2.91
CA SER A 40 -12.96 3.73 -4.00
C SER A 40 -11.68 4.52 -4.16
N VAL A 41 -10.68 3.90 -4.77
CA VAL A 41 -9.38 4.54 -4.94
C VAL A 41 -8.62 3.80 -6.05
N HIS A 42 -7.70 4.49 -6.71
CA HIS A 42 -6.77 3.85 -7.65
C HIS A 42 -5.44 3.75 -6.91
N VAL A 43 -4.82 2.57 -6.98
CA VAL A 43 -3.52 2.33 -6.35
C VAL A 43 -2.47 1.91 -7.38
N ALA A 44 -1.32 2.57 -7.30
CA ALA A 44 -0.15 2.24 -8.10
C ALA A 44 0.94 1.74 -7.16
N VAL A 45 1.32 0.49 -7.34
CA VAL A 45 2.41 -0.11 -6.59
C VAL A 45 3.66 -0.19 -7.47
N ARG A 46 4.77 0.31 -6.96
CA ARG A 46 6.05 0.19 -7.64
C ARG A 46 7.04 -0.37 -6.63
N THR A 47 8.07 -1.05 -7.14
CA THR A 47 9.13 -1.57 -6.30
C THR A 47 10.49 -1.27 -6.94
N THR A 48 11.52 -1.25 -6.10
CA THR A 48 12.91 -1.26 -6.54
C THR A 48 13.61 -2.45 -5.88
N GLY A 49 14.72 -2.88 -6.48
CA GLY A 49 15.50 -3.98 -5.96
C GLY A 49 14.74 -5.27 -6.07
N LYS A 50 14.80 -6.09 -5.03
CA LYS A 50 14.16 -7.39 -5.04
C LYS A 50 13.15 -7.50 -3.91
N VAL A 51 11.88 -7.62 -4.31
CA VAL A 51 10.77 -7.77 -3.39
C VAL A 51 10.05 -9.07 -3.74
N ASP A 52 10.10 -10.03 -2.81
CA ASP A 52 9.51 -11.36 -3.02
C ASP A 52 8.23 -11.55 -2.21
N SER A 53 7.80 -10.52 -1.49
CA SER A 53 6.72 -10.65 -0.52
C SER A 53 5.33 -10.24 -1.05
N LEU A 54 5.23 -9.89 -2.32
CA LEU A 54 3.93 -9.56 -2.90
C LEU A 54 3.46 -10.64 -3.88
N LEU A 55 3.73 -11.89 -3.52
CA LEU A 55 3.29 -13.05 -4.31
C LEU A 55 3.85 -13.07 -5.74
N GLY A 56 5.02 -12.45 -5.93
CA GLY A 56 5.68 -12.39 -7.24
C GLY A 56 5.32 -11.16 -8.09
N ILE A 57 4.45 -10.31 -7.56
CA ILE A 57 4.11 -9.06 -8.20
C ILE A 57 5.13 -7.99 -7.81
N THR A 58 5.61 -7.22 -8.79
CA THR A 58 6.62 -6.17 -8.58
C THR A 58 6.14 -4.78 -9.04
N SER A 59 5.00 -4.73 -9.72
CA SER A 59 4.34 -3.48 -10.08
C SER A 59 2.84 -3.72 -10.22
N ALA A 60 2.02 -2.73 -9.90
CA ALA A 60 0.59 -2.83 -10.20
C ALA A 60 -0.05 -1.46 -10.29
N ASP A 61 -1.09 -1.37 -11.11
CA ASP A 61 -2.03 -0.26 -11.14
C ASP A 61 -3.40 -0.87 -11.06
N VAL A 62 -4.12 -0.55 -9.99
CA VAL A 62 -5.31 -1.28 -9.60
C VAL A 62 -6.42 -0.33 -9.14
N ASP A 63 -7.62 -0.54 -9.66
CA ASP A 63 -8.81 0.13 -9.14
C ASP A 63 -9.40 -0.70 -8.02
N VAL A 64 -9.74 -0.04 -6.90
CA VAL A 64 -10.19 -0.72 -5.70
C VAL A 64 -11.55 -0.19 -5.28
N ARG A 65 -12.48 -1.09 -5.02
CA ARG A 65 -13.72 -0.78 -4.33
C ARG A 65 -13.63 -1.35 -2.91
N ALA A 66 -13.94 -0.52 -1.92
CA ALA A 66 -13.68 -0.86 -0.52
C ALA A 66 -14.63 -1.90 0.05
N ASN A 67 -15.91 -1.80 -0.29
CA ASN A 67 -16.92 -2.71 0.25
C ASN A 67 -18.02 -3.10 -0.74
N PRO A 68 -18.17 -4.40 -1.02
CA PRO A 68 -17.27 -5.49 -0.61
C PRO A 68 -15.91 -5.30 -1.28
N LEU A 69 -14.83 -5.58 -0.56
CA LEU A 69 -13.49 -5.42 -1.11
C LEU A 69 -13.37 -6.12 -2.47
N ALA A 70 -13.00 -5.35 -3.49
CA ALA A 70 -12.84 -5.88 -4.83
C ALA A 70 -11.85 -5.00 -5.59
N ALA A 71 -11.10 -5.61 -6.50
CA ALA A 71 -10.04 -4.89 -7.22
C ALA A 71 -9.87 -5.46 -8.62
N LYS A 72 -9.54 -4.57 -9.55
CA LYS A 72 -9.28 -4.95 -10.94
C LYS A 72 -8.21 -4.00 -11.48
N GLY A 73 -7.22 -4.57 -12.18
CA GLY A 73 -6.21 -3.75 -12.81
C GLY A 73 -5.20 -4.59 -13.55
N VAL A 74 -3.96 -4.11 -13.54
CA VAL A 74 -2.87 -4.71 -14.30
C VAL A 74 -1.65 -4.76 -13.40
N CYS A 75 -0.78 -5.74 -13.64
CA CYS A 75 0.41 -5.91 -12.81
C CYS A 75 1.57 -6.47 -13.61
N THR A 76 2.74 -6.42 -12.99
CA THR A 76 3.92 -7.10 -13.48
C THR A 76 4.09 -8.28 -12.52
N TYR A 77 4.03 -9.48 -13.08
CA TYR A 77 4.08 -10.74 -12.33
C TYR A 77 5.15 -11.65 -12.93
N ASN A 78 6.11 -12.06 -12.10
CA ASN A 78 7.26 -12.85 -12.54
C ASN A 78 7.92 -12.27 -13.79
N ASP A 79 8.04 -10.95 -13.81
CA ASP A 79 8.65 -10.17 -14.89
C ASP A 79 7.82 -10.07 -16.17
N GLU A 80 6.61 -10.63 -16.15
CA GLU A 80 5.68 -10.43 -17.25
C GLU A 80 4.87 -9.18 -16.95
N GLN A 81 4.98 -8.21 -17.84
CA GLN A 81 4.19 -6.98 -17.75
C GLN A 81 2.80 -7.13 -18.37
N GLY A 82 1.92 -6.19 -18.04
CA GLY A 82 0.57 -6.14 -18.62
C GLY A 82 -0.30 -7.32 -18.25
N VAL A 83 -0.05 -7.91 -17.08
CA VAL A 83 -0.77 -9.09 -16.60
C VAL A 83 -2.05 -8.64 -15.89
N PRO A 84 -3.21 -9.01 -16.44
CA PRO A 84 -4.43 -8.59 -15.74
C PRO A 84 -4.49 -9.14 -14.31
N PHE A 85 -5.05 -8.34 -13.41
CA PHE A 85 -5.02 -8.59 -11.96
C PHE A 85 -6.40 -8.35 -11.39
N ARG A 86 -6.86 -9.24 -10.51
CA ARG A 86 -8.12 -8.98 -9.81
C ARG A 86 -8.15 -9.52 -8.39
N VAL A 87 -8.98 -8.88 -7.57
CA VAL A 87 -9.41 -9.43 -6.30
C VAL A 87 -10.94 -9.57 -6.38
N GLN A 88 -11.41 -10.81 -6.28
CA GLN A 88 -12.83 -11.10 -6.27
C GLN A 88 -13.11 -12.06 -5.12
N GLY A 89 -14.04 -11.69 -4.25
CA GLY A 89 -14.32 -12.48 -3.06
C GLY A 89 -13.04 -12.64 -2.27
N ASP A 90 -12.66 -13.89 -1.98
CA ASP A 90 -11.45 -14.17 -1.22
C ASP A 90 -10.20 -14.27 -2.10
N ASN A 91 -10.38 -14.34 -3.42
CA ASN A 91 -9.29 -14.69 -4.32
C ASN A 91 -8.52 -13.52 -4.88
N ILE A 92 -7.19 -13.63 -4.84
CA ILE A 92 -6.27 -12.74 -5.54
C ILE A 92 -5.79 -13.53 -6.75
N SER A 93 -6.02 -12.99 -7.95
CA SER A 93 -5.79 -13.72 -9.20
C SER A 93 -5.09 -12.87 -10.27
N VAL A 94 -4.38 -13.57 -11.17
CA VAL A 94 -3.75 -12.97 -12.36
C VAL A 94 -4.10 -13.83 -13.59
N LYS A 95 -4.12 -13.19 -14.76
CA LYS A 95 -4.44 -13.86 -16.02
C LYS A 95 -3.16 -14.03 -16.83
N LEU A 96 -2.83 -15.29 -17.11
CA LEU A 96 -1.71 -15.64 -17.96
C LEU A 96 -2.25 -16.35 -19.20
N PHE A 97 -1.98 -15.73 -20.34
CA PHE A 97 -2.52 -16.16 -21.62
C PHE A 97 -4.03 -16.08 -21.52
N ASP A 98 -4.78 -17.17 -21.73
CA ASP A 98 -6.25 -17.10 -21.58
C ASP A 98 -6.75 -17.59 -20.22
N ASP A 99 -5.85 -17.78 -19.26
CA ASP A 99 -6.18 -18.53 -18.05
C ASP A 99 -5.90 -17.73 -16.79
N TRP A 100 -6.93 -17.60 -15.96
CA TRP A 100 -6.80 -17.01 -14.62
C TRP A 100 -6.21 -18.03 -13.65
N SER A 101 -5.25 -17.60 -12.82
CA SER A 101 -4.78 -18.42 -11.72
C SER A 101 -4.78 -17.60 -10.43
N ASN A 102 -5.05 -18.28 -9.32
CA ASN A 102 -5.07 -17.67 -8.00
C ASN A 102 -3.68 -17.64 -7.38
N LEU A 103 -3.20 -16.45 -7.03
CA LEU A 103 -1.90 -16.30 -6.34
C LEU A 103 -2.07 -16.43 -4.84
N GLY A 104 -3.25 -16.10 -4.34
CA GLY A 104 -3.46 -16.16 -2.92
C GLY A 104 -4.89 -15.91 -2.53
N SER A 105 -5.10 -16.00 -1.23
CA SER A 105 -6.39 -15.86 -0.61
C SER A 105 -6.29 -14.78 0.45
N ILE A 106 -7.29 -13.90 0.49
CA ILE A 106 -7.32 -12.79 1.43
C ILE A 106 -7.33 -13.32 2.86
N SER A 107 -8.25 -14.24 3.14
CA SER A 107 -8.38 -14.81 4.47
C SER A 107 -7.10 -15.51 4.93
N GLU A 108 -6.45 -16.21 4.01
CA GLU A 108 -5.26 -16.99 4.35
C GLU A 108 -4.03 -16.12 4.56
N LEU A 109 -3.91 -15.04 3.79
CA LEU A 109 -2.88 -14.03 4.06
C LEU A 109 -3.18 -13.28 5.37
N SER A 110 -4.45 -13.03 5.65
CA SER A 110 -4.85 -12.30 6.87
C SER A 110 -4.50 -13.05 8.16
N THR A 111 -4.52 -14.38 8.11
CA THR A 111 -4.13 -15.23 9.25
C THR A 111 -2.63 -15.54 9.22
N SER A 112 -2.09 -15.71 8.02
CA SER A 112 -0.68 -16.01 7.83
C SER A 112 0.25 -14.89 8.31
N ARG A 113 -0.10 -13.65 7.96
CA ARG A 113 0.81 -12.50 8.12
C ARG A 113 0.38 -11.58 9.26
N VAL A 114 -0.91 -11.65 9.64
CA VAL A 114 -1.54 -10.77 10.64
C VAL A 114 -1.89 -9.42 10.01
N GLY A 120 -7.77 -1.81 10.63
CA GLY A 120 -7.23 -2.58 9.51
C GLY A 120 -5.83 -2.12 9.13
N VAL A 121 -5.74 -0.96 8.48
CA VAL A 121 -4.46 -0.36 8.13
C VAL A 121 -3.84 0.44 9.28
N THR A 122 -4.61 0.63 10.36
CA THR A 122 -4.03 1.06 11.64
C THR A 122 -3.19 -0.11 12.18
N GLN A 123 -1.94 -0.16 11.71
CA GLN A 123 -0.91 -0.96 12.34
C GLN A 123 -0.71 -0.40 13.73
N LEU A 124 -0.01 -1.09 14.61
CA LEU A 124 0.33 -0.48 15.89
C LEU A 124 1.25 0.72 15.57
N LEU A 125 0.59 1.86 15.34
CA LEU A 125 1.24 3.14 15.04
C LEU A 125 2.08 3.60 16.21
N SER A 126 1.66 3.27 17.42
CA SER A 126 2.60 3.19 18.53
C SER A 126 3.41 1.95 18.21
N GLY A 127 4.72 2.03 18.36
CA GLY A 127 5.61 1.03 17.78
C GLY A 127 6.39 1.74 16.71
N VAL A 128 5.71 2.61 15.95
CA VAL A 128 6.40 3.50 15.03
C VAL A 128 7.25 4.47 15.85
N THR A 129 8.52 4.55 15.52
CA THR A 129 9.47 5.42 16.22
C THR A 129 10.10 6.42 15.26
N ASN A 130 10.75 7.42 15.84
CA ASN A 130 11.59 8.36 15.09
C ASN A 130 10.84 9.04 13.97
N LEU A 131 9.64 9.53 14.29
CA LEU A 131 8.85 10.29 13.32
C LEU A 131 9.55 11.61 13.05
N GLN A 132 9.73 11.95 11.77
CA GLN A 132 10.39 13.21 11.38
C GLN A 132 9.60 13.87 10.26
N ALA A 133 9.29 15.15 10.46
CA ALA A 133 8.63 15.93 9.46
C ALA A 133 9.67 16.50 8.50
N GLN A 134 9.70 15.99 7.27
CA GLN A 134 10.76 16.35 6.33
C GLN A 134 10.39 17.52 5.44
N GLY A 135 9.21 18.08 5.65
CA GLY A 135 8.78 19.22 4.86
C GLY A 135 7.82 18.85 3.75
N THR A 136 7.72 19.73 2.78
CA THR A 136 6.69 19.65 1.76
C THR A 136 7.30 19.15 0.45
N GLU A 137 6.59 18.21 -0.19
CA GLU A 137 6.96 17.68 -1.49
C GLU A 137 5.69 17.56 -2.36
N VAL A 138 5.81 17.93 -3.63
CA VAL A 138 4.70 17.88 -4.57
C VAL A 138 4.74 16.52 -5.29
N ILE A 139 3.62 15.80 -5.24
CA ILE A 139 3.46 14.53 -5.94
C ILE A 139 2.19 14.62 -6.76
N ASP A 140 2.30 14.40 -8.07
CA ASP A 140 1.15 14.46 -8.98
C ASP A 140 0.37 15.76 -8.83
N GLY A 141 1.09 16.87 -8.71
CA GLY A 141 0.45 18.17 -8.57
C GLY A 141 -0.15 18.47 -7.20
N ILE A 142 0.00 17.55 -6.24
CA ILE A 142 -0.52 17.73 -4.88
C ILE A 142 0.63 18.03 -3.91
N SER A 143 0.48 19.10 -3.13
CA SER A 143 1.39 19.42 -2.04
C SER A 143 1.14 18.50 -0.85
N THR A 144 2.20 17.82 -0.42
CA THR A 144 2.09 16.83 0.64
C THR A 144 3.13 17.05 1.72
N THR A 145 2.78 16.65 2.93
CA THR A 145 3.71 16.65 4.06
C THR A 145 4.41 15.31 4.04
N LYS A 146 5.74 15.35 3.98
CA LYS A 146 6.55 14.15 3.99
C LYS A 146 6.96 13.87 5.43
N ILE A 147 6.63 12.69 5.91
CA ILE A 147 6.97 12.28 7.27
C ILE A 147 7.63 10.92 7.19
N THR A 148 8.83 10.82 7.74
CA THR A 148 9.56 9.57 7.82
C THR A 148 9.43 9.00 9.20
N GLY A 149 9.68 7.71 9.32
CA GLY A 149 9.56 7.03 10.61
C GLY A 149 10.15 5.65 10.49
N THR A 150 10.27 4.96 11.61
CA THR A 150 10.83 3.62 11.63
C THR A 150 9.75 2.65 12.13
N ILE A 151 9.52 1.59 11.35
CA ILE A 151 8.46 0.62 11.62
C ILE A 151 9.07 -0.63 12.24
N PRO A 152 8.49 -1.09 13.37
CA PRO A 152 9.05 -2.26 14.06
C PRO A 152 8.91 -3.52 13.22
N ALA A 153 9.87 -4.43 13.37
CA ALA A 153 9.92 -5.67 12.58
C ALA A 153 8.58 -6.38 12.52
N SER A 154 7.88 -6.42 13.66
CA SER A 154 6.61 -7.13 13.77
C SER A 154 5.59 -6.60 12.76
N SER A 155 5.59 -5.29 12.55
CA SER A 155 4.74 -4.69 11.52
C SER A 155 5.31 -4.88 10.13
N VAL A 156 6.64 -4.87 10.00
CA VAL A 156 7.26 -5.04 8.70
C VAL A 156 6.96 -6.44 8.16
N LYS A 157 6.95 -7.44 9.05
CA LYS A 157 6.63 -8.83 8.68
C LYS A 157 5.24 -9.01 8.08
N MET A 158 4.30 -8.13 8.42
CA MET A 158 2.97 -8.16 7.80
C MET A 158 3.06 -7.93 6.30
N LEU A 159 4.03 -7.12 5.90
CA LEU A 159 4.30 -6.78 4.51
C LEU A 159 5.35 -7.70 3.88
N ASP A 160 6.34 -8.09 4.67
CA ASP A 160 7.49 -8.88 4.22
C ASP A 160 7.79 -9.90 5.34
N PRO A 161 7.19 -11.10 5.25
CA PRO A 161 7.25 -12.09 6.34
C PRO A 161 8.65 -12.46 6.82
N GLY A 162 9.65 -12.29 5.97
CA GLY A 162 11.04 -12.60 6.31
C GLY A 162 11.78 -11.48 7.03
N ALA A 163 11.12 -10.33 7.22
CA ALA A 163 11.76 -9.17 7.83
C ALA A 163 12.29 -9.48 9.23
N LYS A 164 13.55 -9.11 9.49
CA LYS A 164 14.19 -9.39 10.77
C LYS A 164 14.53 -8.15 11.60
N SER A 165 14.34 -6.96 11.04
CA SER A 165 14.62 -5.73 11.76
C SER A 165 13.61 -4.65 11.48
N ALA A 166 13.67 -3.60 12.29
CA ALA A 166 12.86 -2.40 12.06
C ALA A 166 13.34 -1.73 10.79
N ARG A 167 12.40 -1.22 9.99
CA ARG A 167 12.74 -0.63 8.69
C ARG A 167 12.25 0.81 8.56
N PRO A 168 12.98 1.64 7.78
CA PRO A 168 12.51 3.00 7.52
C PRO A 168 11.31 3.01 6.58
N ALA A 169 10.40 3.92 6.84
CA ALA A 169 9.23 4.11 6.02
C ALA A 169 8.99 5.62 5.86
N THR A 170 8.16 5.96 4.87
CA THR A 170 7.80 7.34 4.60
C THR A 170 6.34 7.42 4.18
N VAL A 171 5.65 8.48 4.61
CA VAL A 171 4.30 8.76 4.12
C VAL A 171 4.25 10.20 3.63
N TRP A 172 3.42 10.42 2.62
CA TRP A 172 3.18 11.75 2.06
C TRP A 172 1.69 12.05 2.15
N ILE A 173 1.36 13.08 2.92
CA ILE A 173 -0.01 13.36 3.30
C ILE A 173 -0.44 14.70 2.71
N ALA A 174 -1.52 14.67 1.93
CA ALA A 174 -2.01 15.86 1.23
C ALA A 174 -2.21 17.01 2.21
N GLN A 175 -1.90 18.22 1.76
CA GLN A 175 -2.12 19.43 2.55
C GLN A 175 -3.36 20.20 2.11
N ASP A 176 -4.21 19.58 1.30
CA ASP A 176 -5.34 20.28 0.67
C ASP A 176 -6.65 20.23 1.46
N GLY A 177 -6.60 19.72 2.69
CA GLY A 177 -7.80 19.53 3.51
C GLY A 177 -8.30 18.08 3.54
N SER A 178 -7.89 17.28 2.57
CA SER A 178 -8.34 15.90 2.44
C SER A 178 -7.59 14.91 3.33
N HIS A 179 -6.37 15.27 3.70
CA HIS A 179 -5.44 14.34 4.39
C HIS A 179 -5.20 13.04 3.62
N HIS A 180 -5.33 13.07 2.30
CA HIS A 180 -5.18 11.84 1.52
C HIS A 180 -3.78 11.30 1.74
N LEU A 181 -3.68 9.99 1.86
CA LEU A 181 -2.39 9.34 1.89
C LEU A 181 -1.92 9.18 0.44
N VAL A 182 -1.29 10.23 -0.09
CA VAL A 182 -0.94 10.26 -1.52
C VAL A 182 0.10 9.15 -1.82
N ARG A 183 1.05 9.00 -0.92
CA ARG A 183 2.07 7.98 -1.08
C ARG A 183 2.55 7.43 0.27
N ALA A 184 2.95 6.17 0.23
CA ALA A 184 3.58 5.51 1.36
C ALA A 184 4.63 4.56 0.81
N SER A 185 5.79 4.52 1.46
CA SER A 185 6.84 3.62 1.02
C SER A 185 7.65 3.08 2.19
N ILE A 186 8.25 1.92 1.96
CA ILE A 186 9.05 1.25 2.95
C ILE A 186 10.31 0.74 2.26
N ASP A 187 11.43 0.92 2.95
CA ASP A 187 12.72 0.47 2.47
C ASP A 187 13.02 -0.79 3.23
N LEU A 188 12.86 -1.91 2.54
CA LEU A 188 13.15 -3.20 3.10
C LEU A 188 14.64 -3.42 2.85
N GLY A 189 15.23 -4.43 3.44
CA GLY A 189 16.67 -4.65 3.25
C GLY A 189 17.03 -4.80 1.76
N SER A 190 16.34 -5.73 1.11
CA SER A 190 16.63 -6.12 -0.27
C SER A 190 16.01 -5.19 -1.32
N GLY A 191 15.00 -4.42 -0.95
CA GLY A 191 14.30 -3.58 -1.90
C GLY A 191 13.36 -2.63 -1.23
N SER A 192 12.47 -2.03 -2.01
CA SER A 192 11.51 -1.08 -1.47
C SER A 192 10.16 -1.26 -2.14
N ILE A 193 9.12 -0.86 -1.44
CA ILE A 193 7.75 -0.90 -1.94
C ILE A 193 7.18 0.50 -1.79
N GLN A 194 6.55 0.99 -2.86
CA GLN A 194 5.95 2.30 -2.87
C GLN A 194 4.51 2.16 -3.33
N LEU A 195 3.61 2.81 -2.60
CA LEU A 195 2.20 2.76 -2.91
C LEU A 195 1.68 4.17 -3.05
N THR A 196 1.15 4.47 -4.23
CA THR A 196 0.65 5.79 -4.53
C THR A 196 -0.86 5.71 -4.80
N GLN A 197 -1.64 6.52 -4.06
CA GLN A 197 -3.09 6.61 -4.24
C GLN A 197 -3.48 7.78 -5.15
N SER A 198 -4.59 7.60 -5.86
CA SER A 198 -5.22 8.66 -6.65
C SER A 198 -6.67 8.28 -6.90
N LYS A 199 -7.39 9.17 -7.57
CA LYS A 199 -8.78 8.90 -8.02
C LYS A 199 -9.72 8.57 -6.86
N TRP A 200 -9.47 9.19 -5.73
CA TRP A 200 -10.25 8.96 -4.52
C TRP A 200 -11.72 9.18 -4.80
N ASN A 201 -12.52 8.14 -4.53
CA ASN A 201 -13.96 8.20 -4.68
C ASN A 201 -14.46 8.46 -6.10
N GLU A 202 -13.60 8.23 -7.09
CA GLU A 202 -14.04 8.22 -8.48
C GLU A 202 -14.51 6.80 -8.79
N PRO A 203 -15.64 6.67 -9.49
CA PRO A 203 -16.25 5.36 -9.63
C PRO A 203 -15.38 4.36 -10.39
N VAL A 204 -15.50 3.08 -10.04
CA VAL A 204 -14.67 2.03 -10.62
C VAL A 204 -15.57 0.89 -11.06
N ASN A 205 -15.12 0.12 -12.04
CA ASN A 205 -15.82 -1.07 -12.48
C ASN A 205 -14.90 -2.24 -12.22
N VAL A 206 -15.22 -3.03 -11.20
CA VAL A 206 -14.33 -4.11 -10.75
C VAL A 206 -14.98 -5.48 -10.88
N ASP A 207 -16.19 -5.52 -11.44
CA ASP A 207 -16.89 -6.78 -11.72
C ASP A 207 -18.00 -6.62 -12.78
#